data_8BW6
#
_entry.id   8BW6
#
_cell.length_a   45.860
_cell.length_b   45.860
_cell.length_c   112.020
_cell.angle_alpha   90.000
_cell.angle_beta   90.000
_cell.angle_gamma   90.000
#
_symmetry.space_group_name_H-M   'P 41 21 2'
#
loop_
_entity.id
_entity.type
_entity.pdbx_description
1 polymer Titin
2 non-polymer 1,2-ETHANEDIOL
3 non-polymer DI(HYDROXYETHYL)ETHER
4 non-polymer 'CALCIUM ION'
5 water water
#
_entity_poly.entity_id   1
_entity_poly.type   'polypeptide(L)'
_entity_poly.pdbx_seq_one_letter_code
;GAMEPSAPKELKFGDITKDSVHLTWEPPDDDGGSPLTGYVVEKREVSRKTWTKVMDFVTDLEFTVPDLVQGKEYLFKVCA
RNKCGPGEPAYVDEPVNMS
;
_entity_poly.pdbx_strand_id   A
#
loop_
_chem_comp.id
_chem_comp.type
_chem_comp.name
_chem_comp.formula
CA non-polymer 'CALCIUM ION' 'Ca 2'
EDO non-polymer 1,2-ETHANEDIOL 'C2 H6 O2'
PEG non-polymer DI(HYDROXYETHYL)ETHER 'C4 H10 O3'
#
# COMPACT_ATOMS: atom_id res chain seq x y z
N GLY A 1 -7.07 -16.83 -7.58
CA GLY A 1 -7.14 -16.75 -9.02
C GLY A 1 -7.73 -15.44 -9.56
N ALA A 2 -8.71 -15.55 -10.46
CA ALA A 2 -9.33 -14.38 -11.07
C ALA A 2 -10.42 -13.76 -10.21
N MET A 3 -10.63 -14.25 -8.99
CA MET A 3 -11.47 -13.58 -8.01
C MET A 3 -10.68 -12.51 -7.28
N GLU A 4 -9.94 -11.69 -8.03
CA GLU A 4 -9.02 -10.69 -7.54
C GLU A 4 -9.64 -9.31 -7.62
N PRO A 5 -9.69 -8.56 -6.52
CA PRO A 5 -10.15 -7.17 -6.62
C PRO A 5 -9.28 -6.37 -7.58
N SER A 6 -9.85 -5.32 -8.16
CA SER A 6 -9.00 -4.39 -8.88
C SER A 6 -8.14 -3.62 -7.88
N ALA A 7 -7.33 -2.68 -8.40
CA ALA A 7 -6.40 -1.95 -7.55
C ALA A 7 -7.13 -0.92 -6.70
N PRO A 8 -6.61 -0.62 -5.50
CA PRO A 8 -7.11 0.56 -4.78
C PRO A 8 -6.84 1.83 -5.60
N LYS A 9 -7.69 2.83 -5.38
CA LYS A 9 -7.65 4.07 -6.14
C LYS A 9 -7.10 5.22 -5.29
N GLU A 10 -6.42 6.14 -5.96
CA GLU A 10 -5.98 7.37 -5.33
C GLU A 10 -4.99 7.12 -4.19
N LEU A 11 -4.10 6.14 -4.34
CA LEU A 11 -3.06 5.95 -3.35
C LEU A 11 -2.18 7.19 -3.25
N LYS A 12 -2.11 7.77 -2.05
CA LYS A 12 -1.36 9.01 -1.83
C LYS A 12 -0.70 8.94 -0.46
N PHE A 13 0.34 9.75 -0.27
CA PHE A 13 1.03 9.81 1.00
C PHE A 13 1.17 11.25 1.46
N GLY A 14 1.12 11.45 2.78
CA GLY A 14 1.29 12.75 3.39
C GLY A 14 1.84 12.58 4.79
N ASP A 15 1.82 13.65 5.58
CA ASP A 15 2.19 13.65 7.01
C ASP A 15 3.52 12.97 7.25
N ILE A 16 4.52 13.34 6.45
CA ILE A 16 5.84 12.71 6.57
C ILE A 16 6.50 13.12 7.88
N THR A 17 7.26 12.20 8.48
CA THR A 17 8.01 12.53 9.69
C THR A 17 9.46 12.07 9.61
N LYS A 18 10.15 12.07 10.76
CA LYS A 18 11.47 11.47 10.87
C LYS A 18 11.46 10.03 10.38
N ASP A 19 10.35 9.32 10.63
CA ASP A 19 10.35 7.86 10.56
C ASP A 19 9.00 7.27 10.16
N SER A 20 8.10 8.06 9.57
CA SER A 20 6.81 7.52 9.15
C SER A 20 6.28 8.34 7.97
N VAL A 21 5.35 7.73 7.25
CA VAL A 21 4.52 8.39 6.25
C VAL A 21 3.10 7.89 6.45
N HIS A 22 2.15 8.69 6.02
CA HIS A 22 0.75 8.36 6.16
C HIS A 22 0.17 8.10 4.78
N LEU A 23 -0.18 6.84 4.49
CA LEU A 23 -0.83 6.52 3.23
C LEU A 23 -2.34 6.58 3.37
N THR A 24 -2.99 7.01 2.30
CA THR A 24 -4.44 7.02 2.19
C THR A 24 -4.80 6.49 0.82
N TRP A 25 -5.99 5.88 0.72
CA TRP A 25 -6.43 5.32 -0.55
C TRP A 25 -7.94 5.24 -0.52
N GLU A 26 -8.52 4.87 -1.65
CA GLU A 26 -9.95 4.67 -1.79
C GLU A 26 -10.21 3.23 -2.22
N PRO A 27 -11.43 2.74 -2.08
CA PRO A 27 -11.67 1.30 -2.38
C PRO A 27 -11.53 1.04 -3.87
N PRO A 28 -11.23 -0.20 -4.27
CA PRO A 28 -11.16 -0.51 -5.69
C PRO A 28 -12.54 -0.52 -6.32
N ASP A 29 -12.55 -0.28 -7.64
CA ASP A 29 -13.80 -0.37 -8.40
C ASP A 29 -14.40 -1.77 -8.36
N ASP A 30 -13.56 -2.79 -8.53
CA ASP A 30 -13.98 -4.18 -8.62
C ASP A 30 -13.47 -4.92 -7.38
N ASP A 31 -14.35 -5.60 -6.66
CA ASP A 31 -13.95 -6.40 -5.52
C ASP A 31 -13.68 -7.86 -5.88
N GLY A 32 -13.77 -8.21 -7.15
CA GLY A 32 -13.50 -9.58 -7.55
C GLY A 32 -14.65 -10.54 -7.35
N GLY A 33 -15.83 -10.06 -6.97
CA GLY A 33 -16.97 -10.92 -6.80
C GLY A 33 -17.12 -11.50 -5.41
N SER A 34 -16.44 -10.92 -4.43
CA SER A 34 -16.54 -11.35 -3.06
C SER A 34 -16.25 -10.09 -2.27
N PRO A 35 -16.90 -9.90 -1.13
CA PRO A 35 -16.69 -8.66 -0.37
C PRO A 35 -15.24 -8.47 0.06
N LEU A 36 -14.80 -7.21 0.04
CA LEU A 36 -13.48 -6.86 0.55
C LEU A 36 -13.43 -7.05 2.05
N THR A 37 -12.29 -7.53 2.53
CA THR A 37 -12.08 -7.79 3.93
C THR A 37 -10.96 -6.96 4.55
N GLY A 38 -10.04 -6.45 3.73
CA GLY A 38 -8.96 -5.64 4.23
C GLY A 38 -8.02 -5.24 3.12
N TYR A 39 -6.93 -4.57 3.49
CA TYR A 39 -5.90 -4.12 2.56
C TYR A 39 -4.54 -4.60 3.06
N VAL A 40 -3.61 -4.77 2.13
CA VAL A 40 -2.25 -5.15 2.47
C VAL A 40 -1.30 -4.05 2.02
N VAL A 41 -0.38 -3.67 2.89
CA VAL A 41 0.57 -2.60 2.64
C VAL A 41 1.96 -3.20 2.53
N GLU A 42 2.66 -2.88 1.43
CA GLU A 42 4.02 -3.31 1.20
C GLU A 42 4.89 -2.08 0.96
N LYS A 43 6.19 -2.23 1.21
CA LYS A 43 7.12 -1.13 0.99
C LYS A 43 8.39 -1.70 0.36
N ARG A 44 9.13 -0.83 -0.35
CA ARG A 44 10.50 -1.18 -0.66
C ARG A 44 11.33 0.08 -0.80
N GLU A 45 12.57 0.01 -0.37
CA GLU A 45 13.50 1.07 -0.65
C GLU A 45 13.78 1.09 -2.14
N VAL A 46 13.85 2.30 -2.72
CA VAL A 46 13.94 2.45 -4.17
C VAL A 46 15.13 1.69 -4.74
N SER A 47 16.23 1.62 -4.00
CA SER A 47 17.41 0.96 -4.54
C SER A 47 17.38 -0.55 -4.38
N ARG A 48 16.45 -1.13 -3.62
CA ARG A 48 16.32 -2.59 -3.54
C ARG A 48 15.15 -3.04 -4.39
N LYS A 49 15.25 -4.25 -4.91
CA LYS A 49 14.21 -4.77 -5.78
C LYS A 49 13.08 -5.48 -5.01
N THR A 50 13.26 -5.77 -3.73
CA THR A 50 12.36 -6.64 -2.99
C THR A 50 11.26 -5.84 -2.30
N TRP A 51 10.01 -6.26 -2.50
CA TRP A 51 8.96 -5.67 -1.68
C TRP A 51 8.88 -6.40 -0.35
N THR A 52 8.41 -5.68 0.67
CA THR A 52 8.40 -6.10 2.07
C THR A 52 7.02 -5.85 2.62
N LYS A 53 6.45 -6.81 3.34
CA LYS A 53 5.17 -6.56 3.97
C LYS A 53 5.35 -5.57 5.11
N VAL A 54 4.47 -4.58 5.18
CA VAL A 54 4.40 -3.67 6.32
C VAL A 54 3.29 -4.09 7.27
N MET A 55 2.11 -4.36 6.72
CA MET A 55 0.94 -4.78 7.48
C MET A 55 -0.08 -5.36 6.51
N ASP A 56 -0.77 -6.40 6.95
CA ASP A 56 -1.84 -7.06 6.23
C ASP A 56 -3.14 -6.88 7.02
N PHE A 57 -4.25 -7.16 6.35
CA PHE A 57 -5.58 -7.19 6.98
C PHE A 57 -5.93 -5.83 7.59
N VAL A 58 -5.42 -4.77 6.98
CA VAL A 58 -5.79 -3.40 7.35
C VAL A 58 -7.24 -3.17 6.99
N THR A 59 -8.05 -2.82 7.99
CA THR A 59 -9.48 -2.53 7.82
C THR A 59 -9.76 -1.04 7.84
N ASP A 60 -9.01 -0.27 7.08
CA ASP A 60 -9.14 1.18 7.08
C ASP A 60 -8.77 1.63 5.67
N LEU A 61 -9.00 2.90 5.37
CA LEU A 61 -8.51 3.46 4.12
C LEU A 61 -7.25 4.28 4.32
N GLU A 62 -6.42 3.86 5.27
CA GLU A 62 -5.23 4.62 5.60
C GLU A 62 -4.30 3.73 6.38
N PHE A 63 -3.04 4.11 6.42
CA PHE A 63 -2.10 3.40 7.27
C PHE A 63 -0.88 4.28 7.47
N THR A 64 -0.43 4.38 8.71
CA THR A 64 0.84 5.04 8.99
C THR A 64 1.94 4.00 8.96
N VAL A 65 2.88 4.16 8.03
CA VAL A 65 3.96 3.20 7.89
C VAL A 65 5.06 3.57 8.88
N PRO A 66 5.44 2.68 9.79
CA PRO A 66 6.42 3.07 10.80
C PRO A 66 7.84 2.67 10.47
N ASP A 67 8.75 3.08 11.35
CA ASP A 67 10.12 2.56 11.41
C ASP A 67 10.85 2.73 10.08
N LEU A 68 10.60 3.85 9.42
CA LEU A 68 11.32 4.24 8.21
C LEU A 68 12.62 4.94 8.58
N VAL A 69 13.62 4.83 7.70
CA VAL A 69 15.00 5.23 7.99
C VAL A 69 15.28 6.59 7.35
N GLN A 70 15.93 7.48 8.10
CA GLN A 70 16.26 8.79 7.55
C GLN A 70 17.29 8.62 6.43
N GLY A 71 17.13 9.43 5.38
CA GLY A 71 18.03 9.39 4.24
C GLY A 71 17.67 8.39 3.16
N LYS A 72 16.67 7.55 3.37
CA LYS A 72 16.26 6.55 2.39
C LYS A 72 15.08 7.05 1.58
N GLU A 73 14.99 6.57 0.34
CA GLU A 73 13.81 6.71 -0.52
C GLU A 73 13.02 5.42 -0.48
N TYR A 74 11.70 5.54 -0.34
CA TYR A 74 10.82 4.38 -0.23
C TYR A 74 9.71 4.46 -1.26
N LEU A 75 9.27 3.29 -1.71
CA LEU A 75 8.05 3.12 -2.46
C LEU A 75 7.06 2.31 -1.65
N PHE A 76 5.76 2.48 -1.95
CA PHE A 76 4.71 1.74 -1.27
C PHE A 76 3.70 1.24 -2.29
N LYS A 77 3.14 0.09 -2.01
CA LYS A 77 2.03 -0.44 -2.79
CA LYS A 77 2.01 -0.39 -2.78
C LYS A 77 0.99 -1.01 -1.85
N VAL A 78 -0.29 -0.84 -2.21
CA VAL A 78 -1.41 -1.34 -1.44
C VAL A 78 -2.28 -2.20 -2.35
N CYS A 79 -2.71 -3.35 -1.85
CA CYS A 79 -3.68 -4.19 -2.54
C CYS A 79 -4.90 -4.40 -1.67
N ALA A 80 -6.08 -4.47 -2.27
CA ALA A 80 -7.27 -4.93 -1.54
C ALA A 80 -7.33 -6.46 -1.49
N ARG A 81 -7.85 -7.00 -0.37
CA ARG A 81 -8.06 -8.42 -0.20
C ARG A 81 -9.54 -8.76 -0.19
N ASN A 82 -9.87 -9.96 -0.69
CA ASN A 82 -11.13 -10.57 -0.31
C ASN A 82 -10.84 -11.99 0.17
N LYS A 83 -11.87 -12.82 0.32
CA LYS A 83 -11.68 -14.16 0.84
C LYS A 83 -10.76 -15.02 -0.02
N CYS A 84 -10.49 -14.63 -1.26
CA CYS A 84 -9.58 -15.37 -2.12
C CYS A 84 -8.19 -14.76 -2.21
N GLY A 85 -7.87 -13.76 -1.40
CA GLY A 85 -6.54 -13.22 -1.38
C GLY A 85 -6.47 -11.84 -1.97
N PRO A 86 -5.25 -11.29 -2.06
CA PRO A 86 -5.07 -9.91 -2.52
C PRO A 86 -5.17 -9.78 -4.03
N GLY A 87 -5.62 -8.60 -4.46
CA GLY A 87 -5.75 -8.29 -5.86
C GLY A 87 -4.60 -7.47 -6.38
N GLU A 88 -4.85 -6.76 -7.48
N GLU A 88 -4.86 -6.74 -7.47
CA GLU A 88 -3.79 -6.01 -8.13
CA GLU A 88 -3.83 -5.98 -8.15
C GLU A 88 -3.37 -4.82 -7.27
C GLU A 88 -3.38 -4.81 -7.27
N PRO A 89 -2.08 -4.51 -7.24
CA PRO A 89 -1.59 -3.42 -6.39
C PRO A 89 -1.73 -2.03 -6.99
N ALA A 90 -1.99 -1.06 -6.11
CA ALA A 90 -1.88 0.35 -6.44
C ALA A 90 -0.52 0.85 -5.97
N TYR A 91 0.11 1.71 -6.75
CA TYR A 91 1.44 2.21 -6.47
C TYR A 91 1.40 3.71 -6.18
N VAL A 92 2.30 4.17 -5.28
CA VAL A 92 2.47 5.61 -5.13
C VAL A 92 2.96 6.22 -6.45
N ASP A 93 2.80 7.55 -6.58
CA ASP A 93 3.21 8.24 -7.80
C ASP A 93 4.70 8.50 -7.82
N GLU A 94 5.27 8.86 -6.67
CA GLU A 94 6.68 9.19 -6.57
CA GLU A 94 6.67 9.25 -6.55
C GLU A 94 7.21 8.64 -5.26
N PRO A 95 8.53 8.41 -5.18
CA PRO A 95 9.09 7.91 -3.92
C PRO A 95 8.90 8.93 -2.81
N VAL A 96 8.94 8.43 -1.58
CA VAL A 96 9.03 9.26 -0.40
C VAL A 96 10.49 9.30 0.03
N ASN A 97 11.02 10.52 0.25
CA ASN A 97 12.35 10.71 0.81
C ASN A 97 12.24 11.00 2.30
N MET A 98 13.38 11.12 2.98
CA MET A 98 13.39 11.34 4.42
C MET A 98 14.45 12.35 4.80
N SER A 99 14.12 13.21 5.76
CA SER A 99 15.08 14.17 6.33
C SER A 99 14.54 14.84 7.58
C1 EDO B . 0.29 -4.55 -11.17
O1 EDO B . -1.05 -5.07 -11.07
C2 EDO B . 1.30 -5.57 -10.59
O2 EDO B . 2.44 -4.87 -10.04
C1 EDO C . -5.61 -4.72 12.69
O1 EDO C . -6.51 -5.67 12.09
C2 EDO C . -4.49 -4.35 11.71
O2 EDO C . -3.87 -5.51 11.16
C1 EDO D . -12.10 -3.17 5.35
O1 EDO D . -12.41 -2.04 6.19
C2 EDO D . -12.37 -2.81 3.90
O2 EDO D . -13.78 -2.52 3.76
C1 PEG E . 33.53 -13.02 -2.30
O1 PEG E . 34.85 -13.32 -2.75
C2 PEG E . 32.49 -13.78 -3.10
O2 PEG E . 31.25 -13.81 -2.40
C3 PEG E . 30.43 -12.68 -2.65
C4 PEG E . 30.15 -12.57 -4.12
O4 PEG E . 30.69 -11.39 -4.67
CA CA F . -9.57 5.67 9.92
C1 EDO G . 9.61 -4.65 -12.29
O1 EDO G . 10.25 -4.26 -11.06
C2 EDO G . 9.26 -6.13 -12.36
O2 EDO G . 8.57 -6.38 -13.60
C1 EDO H . 11.50 -1.03 18.53
O1 EDO H . 12.37 -2.02 19.10
C2 EDO H . 10.39 -1.69 17.71
O2 EDO H . 9.36 -0.73 17.43
C1 EDO I . -19.53 -3.11 -8.71
O1 EDO I . -18.90 -2.25 -7.75
C2 EDO I . -18.96 -2.87 -10.10
O2 EDO I . -17.58 -3.28 -10.16
C1 EDO J . -16.61 -3.77 -2.54
O1 EDO J . -16.63 -4.89 -1.66
C2 EDO J . -16.23 -2.48 -1.81
O2 EDO J . -15.68 -1.55 -2.75
#